data_8VTZ
#
_entry.id   8VTZ
#
_cell.length_a   58.002
_cell.length_b   82.221
_cell.length_c   88.882
_cell.angle_alpha   90.000
_cell.angle_beta   90.000
_cell.angle_gamma   90.000
#
_symmetry.space_group_name_H-M   'C 2 2 21'
#
loop_
_entity.id
_entity.type
_entity.pdbx_description
1 polymer 'Methionyl-tRNA synthetase beta subunit'
2 non-polymer 'SULFATE ION'
3 water water
#
_entity_poly.entity_id   1
_entity_poly.type   'polypeptide(L)'
_entity_poly.pdbx_seq_one_letter_code
;GPMEEKALIGIEDFLKVDLRVAKVLSAERVEGSEKLLKLTLSLGDEERTVVAGIAKYYTPEELVGKKIVIVANLKPRKIF
GIESQGMILAASDGENLSVIVPDRDVKEGAKLS
;
_entity_poly.pdbx_strand_id   A,B
#
loop_
_chem_comp.id
_chem_comp.type
_chem_comp.name
_chem_comp.formula
SO4 non-polymer 'SULFATE ION' 'O4 S -2'
#
# COMPACT_ATOMS: atom_id res chain seq x y z
N GLY A 1 -19.23 6.95 3.75
CA GLY A 1 -19.54 5.55 3.89
C GLY A 1 -18.49 4.63 3.31
N PRO A 2 -18.32 3.45 3.90
CA PRO A 2 -17.30 2.52 3.39
C PRO A 2 -17.64 1.93 2.03
N MET A 3 -18.92 1.76 1.72
CA MET A 3 -19.34 1.20 0.44
C MET A 3 -19.52 2.27 -0.64
N GLU A 4 -19.20 3.53 -0.33
CA GLU A 4 -19.44 4.64 -1.24
C GLU A 4 -18.25 4.84 -2.17
N GLU A 5 -18.53 5.42 -3.34
CA GLU A 5 -17.46 5.83 -4.25
C GLU A 5 -16.71 7.01 -3.64
N LYS A 6 -15.39 6.87 -3.55
CA LYS A 6 -14.57 7.90 -2.92
C LYS A 6 -14.30 9.04 -3.89
N ALA A 7 -14.57 10.26 -3.46
CA ALA A 7 -14.33 11.43 -4.29
C ALA A 7 -12.83 11.64 -4.50
N LEU A 8 -12.51 12.40 -5.54
CA LEU A 8 -11.11 12.70 -5.84
C LEU A 8 -10.49 13.54 -4.72
N ILE A 9 -9.22 13.28 -4.45
CA ILE A 9 -8.50 13.97 -3.38
C ILE A 9 -7.22 14.59 -3.94
N GLY A 10 -6.75 15.63 -3.27
CA GLY A 10 -5.43 16.14 -3.54
C GLY A 10 -4.36 15.35 -2.83
N ILE A 11 -3.11 15.54 -3.26
CA ILE A 11 -2.00 14.74 -2.75
C ILE A 11 -1.75 15.00 -1.27
N GLU A 12 -2.18 16.15 -0.74
CA GLU A 12 -2.00 16.42 0.68
C GLU A 12 -2.71 15.37 1.54
N ASP A 13 -3.93 14.99 1.13
CA ASP A 13 -4.68 13.98 1.87
C ASP A 13 -3.95 12.64 1.88
N PHE A 14 -3.20 12.33 0.83
CA PHE A 14 -2.39 11.11 0.84
C PHE A 14 -1.18 11.27 1.73
N LEU A 15 -0.47 12.40 1.60
CA LEU A 15 0.71 12.66 2.43
C LEU A 15 0.37 12.66 3.90
N LYS A 16 -0.90 12.86 4.26
CA LYS A 16 -1.31 12.86 5.65
C LYS A 16 -1.23 11.46 6.27
N VAL A 17 -1.29 10.40 5.47
CA VAL A 17 -1.19 9.03 5.98
C VAL A 17 0.25 8.55 5.88
N ASP A 18 0.69 7.80 6.88
CA ASP A 18 2.07 7.34 6.98
C ASP A 18 2.11 5.86 6.63
N LEU A 19 2.36 5.57 5.35
CA LEU A 19 2.49 4.20 4.88
C LEU A 19 3.95 3.78 4.97
N ARG A 20 4.21 2.65 5.65
CA ARG A 20 5.57 2.19 5.88
C ARG A 20 5.67 0.69 5.66
N VAL A 21 6.87 0.24 5.34
CA VAL A 21 7.19 -1.18 5.29
C VAL A 21 7.66 -1.61 6.67
N ALA A 22 7.06 -2.69 7.19
CA ALA A 22 7.40 -3.20 8.51
C ALA A 22 7.57 -4.71 8.43
N LYS A 23 8.55 -5.23 9.16
CA LYS A 23 8.81 -6.66 9.19
C LYS A 23 8.03 -7.31 10.33
N VAL A 24 7.26 -8.34 10.01
CA VAL A 24 6.51 -9.07 11.03
C VAL A 24 7.49 -9.87 11.88
N LEU A 25 7.60 -9.52 13.16
CA LEU A 25 8.45 -10.24 14.09
C LEU A 25 7.73 -11.42 14.74
N SER A 26 6.48 -11.23 15.12
CA SER A 26 5.71 -12.30 15.74
C SER A 26 4.25 -12.16 15.35
N ALA A 27 3.50 -13.25 15.53
CA ALA A 27 2.09 -13.28 15.17
C ALA A 27 1.42 -14.35 16.02
N GLU A 28 0.73 -13.93 17.07
CA GLU A 28 0.04 -14.85 17.97
C GLU A 28 -1.47 -14.65 17.87
N ARG A 29 -2.20 -15.62 18.42
CA ARG A 29 -3.66 -15.57 18.41
C ARG A 29 -4.17 -14.85 19.66
N VAL A 30 -5.34 -14.25 19.52
CA VAL A 30 -5.95 -13.45 20.58
C VAL A 30 -6.96 -14.30 21.33
N GLU A 31 -6.82 -14.36 22.66
CA GLU A 31 -7.71 -15.18 23.47
C GLU A 31 -9.13 -14.62 23.44
N GLY A 32 -10.10 -15.52 23.30
CA GLY A 32 -11.49 -15.14 23.20
C GLY A 32 -11.95 -14.73 21.81
N SER A 33 -11.04 -14.56 20.87
CA SER A 33 -11.37 -14.21 19.50
C SER A 33 -10.83 -15.26 18.54
N GLU A 34 -11.65 -15.65 17.58
CA GLU A 34 -11.26 -16.61 16.55
C GLU A 34 -10.85 -15.93 15.25
N LYS A 35 -10.95 -14.61 15.17
CA LYS A 35 -10.68 -13.87 13.94
C LYS A 35 -9.46 -12.96 14.02
N LEU A 36 -8.96 -12.67 15.21
CA LEU A 36 -7.94 -11.65 15.39
C LEU A 36 -6.58 -12.27 15.67
N LEU A 37 -5.54 -11.69 15.06
CA LEU A 37 -4.15 -11.99 15.36
C LEU A 37 -3.48 -10.73 15.87
N LYS A 38 -2.62 -10.89 16.88
CA LYS A 38 -1.80 -9.81 17.39
C LYS A 38 -0.40 -9.94 16.78
N LEU A 39 0.01 -8.94 16.02
CA LEU A 39 1.30 -8.98 15.34
C LEU A 39 2.19 -7.86 15.86
N THR A 40 3.45 -8.21 16.14
CA THR A 40 4.50 -7.23 16.40
C THR A 40 5.23 -6.96 15.10
N LEU A 41 5.51 -5.68 14.84
CA LEU A 41 6.09 -5.25 13.58
C LEU A 41 7.28 -4.33 13.86
N SER A 42 8.42 -4.63 13.24
CA SER A 42 9.59 -3.77 13.31
C SER A 42 9.56 -2.76 12.18
N LEU A 43 9.73 -1.48 12.54
CA LEU A 43 9.92 -0.40 11.57
C LEU A 43 11.38 0.02 11.47
N GLY A 44 12.31 -0.88 11.75
CA GLY A 44 13.71 -0.56 11.75
C GLY A 44 14.18 -0.04 13.09
N ASP A 45 13.79 1.17 13.43
CA ASP A 45 14.22 1.83 14.67
C ASP A 45 13.12 1.89 15.72
N GLU A 46 11.98 1.27 15.47
CA GLU A 46 10.87 1.30 16.41
C GLU A 46 9.91 0.17 16.08
N GLU A 47 9.09 -0.21 17.06
CA GLU A 47 8.19 -1.35 16.94
C GLU A 47 6.73 -0.89 17.07
N ARG A 48 5.84 -1.78 16.65
CA ARG A 48 4.41 -1.53 16.67
C ARG A 48 3.68 -2.82 16.98
N THR A 49 2.54 -2.71 17.67
CA THR A 49 1.67 -3.84 17.94
C THR A 49 0.33 -3.57 17.29
N VAL A 50 -0.10 -4.47 16.40
CA VAL A 50 -1.32 -4.27 15.62
C VAL A 50 -2.16 -5.54 15.69
N VAL A 51 -3.44 -5.39 16.03
CA VAL A 51 -4.39 -6.48 16.03
C VAL A 51 -5.17 -6.42 14.73
N ALA A 52 -5.23 -7.54 14.01
CA ALA A 52 -5.85 -7.58 12.70
C ALA A 52 -6.79 -8.78 12.58
N GLY A 53 -7.97 -8.54 12.01
CA GLY A 53 -8.91 -9.61 11.77
C GLY A 53 -8.63 -10.34 10.47
N ILE A 54 -7.55 -11.13 10.45
CA ILE A 54 -7.13 -11.84 9.25
C ILE A 54 -6.78 -13.29 9.60
N ALA A 55 -7.16 -13.72 10.81
CA ALA A 55 -6.87 -15.09 11.22
C ALA A 55 -7.60 -16.11 10.34
N LYS A 56 -8.74 -15.71 9.77
CA LYS A 56 -9.46 -16.58 8.85
C LYS A 56 -8.72 -16.78 7.53
N TYR A 57 -7.85 -15.83 7.16
CA TYR A 57 -7.13 -15.90 5.89
C TYR A 57 -5.64 -16.16 6.02
N TYR A 58 -5.04 -15.88 7.19
CA TYR A 58 -3.60 -15.99 7.35
C TYR A 58 -3.28 -16.74 8.64
N THR A 59 -2.43 -17.76 8.53
CA THR A 59 -1.86 -18.39 9.70
C THR A 59 -0.65 -17.59 10.17
N PRO A 60 -0.27 -17.73 11.45
CA PRO A 60 0.98 -17.09 11.90
C PRO A 60 2.18 -17.45 11.05
N GLU A 61 2.27 -18.70 10.57
CA GLU A 61 3.45 -19.16 9.87
C GLU A 61 3.65 -18.44 8.55
N GLU A 62 2.57 -18.10 7.85
CA GLU A 62 2.66 -17.40 6.58
C GLU A 62 2.69 -15.88 6.72
N LEU A 63 3.05 -15.38 7.89
CA LEU A 63 3.15 -13.95 8.14
C LEU A 63 4.48 -13.54 8.77
N VAL A 64 4.99 -14.32 9.72
CA VAL A 64 6.21 -13.94 10.42
C VAL A 64 7.39 -13.92 9.46
N GLY A 65 8.27 -12.94 9.63
CA GLY A 65 9.40 -12.77 8.75
C GLY A 65 9.10 -12.01 7.47
N LYS A 66 7.83 -11.77 7.17
CA LYS A 66 7.47 -11.04 5.95
C LYS A 66 7.54 -9.54 6.18
N LYS A 67 7.83 -8.81 5.11
CA LYS A 67 7.76 -7.35 5.10
C LYS A 67 6.42 -6.95 4.49
N ILE A 68 5.61 -6.24 5.26
CA ILE A 68 4.26 -5.86 4.85
C ILE A 68 4.09 -4.36 4.98
N VAL A 69 3.19 -3.81 4.17
CA VAL A 69 2.88 -2.38 4.21
C VAL A 69 1.82 -2.14 5.27
N ILE A 70 2.01 -1.09 6.07
CA ILE A 70 1.09 -0.74 7.14
C ILE A 70 0.89 0.78 7.14
N VAL A 71 -0.18 1.20 7.81
CA VAL A 71 -0.39 2.60 8.16
C VAL A 71 0.09 2.76 9.59
N ALA A 72 1.22 3.46 9.78
CA ALA A 72 1.88 3.51 11.07
C ALA A 72 1.35 4.60 11.99
N ASN A 73 0.68 5.61 11.44
CA ASN A 73 0.25 6.77 12.23
C ASN A 73 -1.25 6.78 12.51
N LEU A 74 -1.85 5.61 12.65
CA LEU A 74 -3.25 5.54 13.04
C LEU A 74 -3.38 5.67 14.56
N LYS A 75 -4.43 6.35 15.00
CA LYS A 75 -4.64 6.55 16.42
C LYS A 75 -4.75 5.21 17.14
N PRO A 76 -4.20 5.10 18.35
CA PRO A 76 -4.23 3.82 19.06
C PRO A 76 -5.62 3.51 19.61
N ARG A 77 -5.84 2.21 19.83
CA ARG A 77 -7.12 1.73 20.34
C ARG A 77 -6.90 0.44 21.12
N LYS A 78 -7.73 0.23 22.13
CA LYS A 78 -7.69 -0.99 22.92
C LYS A 78 -8.61 -2.02 22.28
N ILE A 79 -8.03 -3.03 21.65
CA ILE A 79 -8.78 -4.10 21.00
C ILE A 79 -8.51 -5.40 21.77
N PHE A 80 -9.56 -5.93 22.39
CA PHE A 80 -9.49 -7.19 23.13
C PHE A 80 -8.38 -7.15 24.18
N GLY A 81 -8.29 -6.03 24.90
CA GLY A 81 -7.29 -5.87 25.93
C GLY A 81 -5.88 -5.60 25.44
N ILE A 82 -5.66 -5.52 24.13
CA ILE A 82 -4.35 -5.27 23.55
C ILE A 82 -4.33 -3.85 23.01
N GLU A 83 -3.31 -3.08 23.38
CA GLU A 83 -3.15 -1.74 22.85
C GLU A 83 -2.57 -1.83 21.45
N SER A 84 -3.39 -1.55 20.44
CA SER A 84 -3.01 -1.63 19.05
C SER A 84 -2.86 -0.23 18.48
N GLN A 85 -1.72 0.02 17.81
CA GLN A 85 -1.45 1.32 17.21
C GLN A 85 -0.91 1.09 15.80
N GLY A 86 -1.74 1.34 14.80
CA GLY A 86 -1.39 1.07 13.43
C GLY A 86 -2.33 0.07 12.79
N MET A 87 -2.33 0.01 11.46
CA MET A 87 -3.21 -0.89 10.73
C MET A 87 -2.46 -1.46 9.53
N ILE A 88 -2.66 -2.76 9.29
CA ILE A 88 -2.03 -3.44 8.16
CA ILE A 88 -2.02 -3.42 8.16
C ILE A 88 -2.86 -3.22 6.91
N LEU A 89 -2.18 -2.99 5.79
CA LEU A 89 -2.88 -2.89 4.52
C LEU A 89 -3.37 -4.26 4.09
N ALA A 90 -4.60 -4.32 3.58
CA ALA A 90 -5.17 -5.58 3.13
C ALA A 90 -6.06 -5.34 1.93
N ALA A 91 -5.86 -6.13 0.89
CA ALA A 91 -6.66 -6.07 -0.33
C ALA A 91 -7.62 -7.25 -0.37
N SER A 92 -8.87 -6.97 -0.73
CA SER A 92 -9.89 -8.00 -0.88
C SER A 92 -10.64 -7.76 -2.18
N ASP A 93 -11.15 -8.85 -2.75
CA ASP A 93 -11.94 -8.81 -3.98
C ASP A 93 -13.27 -9.54 -3.81
N GLY A 94 -13.74 -9.63 -2.58
CA GLY A 94 -14.93 -10.39 -2.26
C GLY A 94 -14.74 -11.89 -2.21
N GLU A 95 -13.52 -12.37 -2.47
CA GLU A 95 -13.28 -13.81 -2.49
C GLU A 95 -11.98 -14.17 -1.77
N ASN A 96 -10.99 -13.28 -1.82
CA ASN A 96 -9.69 -13.59 -1.23
C ASN A 96 -9.11 -12.34 -0.60
N LEU A 97 -8.41 -12.53 0.52
CA LEU A 97 -7.78 -11.46 1.28
C LEU A 97 -6.27 -11.62 1.20
N SER A 98 -5.56 -10.50 1.05
CA SER A 98 -4.11 -10.54 0.87
C SER A 98 -3.47 -9.33 1.55
N VAL A 99 -2.43 -9.60 2.35
CA VAL A 99 -1.62 -8.52 2.88
C VAL A 99 -0.79 -7.92 1.74
N ILE A 100 -0.14 -6.80 1.99
CA ILE A 100 0.53 -6.04 0.94
C ILE A 100 2.02 -5.97 1.25
N VAL A 101 2.83 -6.37 0.28
CA VAL A 101 4.28 -6.49 0.47
C VAL A 101 4.99 -5.70 -0.62
N PRO A 102 6.25 -5.31 -0.39
CA PRO A 102 7.02 -4.64 -1.44
C PRO A 102 7.48 -5.62 -2.50
N ASP A 103 7.47 -5.16 -3.76
CA ASP A 103 7.93 -5.99 -4.87
C ASP A 103 9.40 -6.37 -4.70
N ARG A 104 10.23 -5.41 -4.30
CA ARG A 104 11.64 -5.66 -4.05
C ARG A 104 11.90 -5.61 -2.54
N ASP A 105 12.96 -6.30 -2.12
CA ASP A 105 13.33 -6.28 -0.72
C ASP A 105 13.86 -4.90 -0.35
N VAL A 106 13.14 -4.21 0.53
CA VAL A 106 13.51 -2.88 1.00
C VAL A 106 13.64 -2.94 2.51
N LYS A 107 14.49 -2.06 3.04
CA LYS A 107 14.77 -2.07 4.47
C LYS A 107 13.52 -1.70 5.27
N GLU A 108 13.34 -2.35 6.42
CA GLU A 108 12.19 -2.09 7.25
C GLU A 108 12.16 -0.63 7.67
N GLY A 109 10.94 -0.09 7.81
CA GLY A 109 10.76 1.32 8.01
C GLY A 109 10.77 2.14 6.74
N ALA A 110 10.87 1.51 5.58
CA ALA A 110 10.87 2.24 4.31
C ALA A 110 9.60 3.06 4.17
N LYS A 111 9.76 4.31 3.78
CA LYS A 111 8.64 5.23 3.70
C LYS A 111 8.00 5.19 2.32
N LEU A 112 6.66 5.15 2.30
CA LEU A 112 5.88 5.18 1.08
C LEU A 112 5.23 6.54 0.84
N SER A 113 5.20 7.40 1.85
CA SER A 113 4.53 8.69 1.76
C SER A 113 5.30 9.78 2.51
N GLY B 1 4.40 18.73 5.79
CA GLY B 1 5.68 18.75 5.10
C GLY B 1 6.05 17.41 4.51
N PRO B 2 6.65 17.43 3.31
CA PRO B 2 6.99 16.16 2.65
C PRO B 2 8.09 15.40 3.38
N MET B 3 8.99 16.10 4.06
CA MET B 3 10.05 15.47 4.82
C MET B 3 9.78 15.49 6.32
N GLU B 4 8.64 16.02 6.73
CA GLU B 4 8.28 16.10 8.14
C GLU B 4 7.72 14.78 8.64
N GLU B 5 7.69 14.62 9.95
CA GLU B 5 7.05 13.47 10.57
C GLU B 5 5.54 13.69 10.62
N LYS B 6 4.79 12.61 10.34
CA LYS B 6 3.34 12.71 10.21
C LYS B 6 2.68 12.43 11.55
N ALA B 7 1.87 13.38 12.00
CA ALA B 7 1.14 13.22 13.25
C ALA B 7 0.03 12.16 13.08
N LEU B 8 -0.51 11.73 14.22
CA LEU B 8 -1.52 10.69 14.22
C LEU B 8 -2.77 11.14 13.47
N ILE B 9 -3.41 10.20 12.77
CA ILE B 9 -4.60 10.48 11.98
C ILE B 9 -5.68 9.48 12.34
N GLY B 10 -6.94 9.89 12.14
CA GLY B 10 -8.06 8.99 12.30
C GLY B 10 -8.29 8.14 11.06
N ILE B 11 -9.20 7.18 11.20
CA ILE B 11 -9.49 6.27 10.10
C ILE B 11 -10.14 7.00 8.92
N GLU B 12 -10.81 8.13 9.18
CA GLU B 12 -11.43 8.89 8.10
C GLU B 12 -10.41 9.36 7.08
N ASP B 13 -9.29 9.93 7.56
CA ASP B 13 -8.26 10.42 6.65
C ASP B 13 -7.71 9.31 5.78
N PHE B 14 -7.62 8.09 6.32
CA PHE B 14 -7.21 6.95 5.51
C PHE B 14 -8.29 6.60 4.49
N LEU B 15 -9.55 6.54 4.93
CA LEU B 15 -10.65 6.16 4.04
C LEU B 15 -10.86 7.17 2.92
N LYS B 16 -10.33 8.38 3.06
CA LYS B 16 -10.40 9.34 1.95
C LYS B 16 -9.61 8.85 0.75
N VAL B 17 -8.60 8.00 0.97
CA VAL B 17 -7.70 7.53 -0.08
C VAL B 17 -8.26 6.25 -0.69
N ASP B 18 -8.18 6.15 -2.01
CA ASP B 18 -8.69 4.99 -2.76
C ASP B 18 -7.49 4.15 -3.23
N LEU B 19 -7.08 3.21 -2.39
CA LEU B 19 -6.01 2.28 -2.73
C LEU B 19 -6.60 1.07 -3.45
N ARG B 20 -6.01 0.71 -4.59
CA ARG B 20 -6.54 -0.38 -5.40
C ARG B 20 -5.40 -1.19 -6.00
N VAL B 21 -5.73 -2.40 -6.41
CA VAL B 21 -4.80 -3.28 -7.12
C VAL B 21 -5.06 -3.14 -8.60
N ALA B 22 -4.00 -2.91 -9.38
CA ALA B 22 -4.10 -2.70 -10.81
C ALA B 22 -3.01 -3.50 -11.51
N LYS B 23 -3.35 -4.12 -12.63
CA LYS B 23 -2.40 -4.91 -13.40
C LYS B 23 -1.73 -4.05 -14.46
N VAL B 24 -0.40 -4.03 -14.47
CA VAL B 24 0.34 -3.24 -15.44
C VAL B 24 0.21 -3.89 -16.82
N LEU B 25 -0.61 -3.30 -17.68
CA LEU B 25 -0.77 -3.81 -19.03
C LEU B 25 0.43 -3.44 -19.91
N SER B 26 1.00 -2.26 -19.70
CA SER B 26 2.15 -1.83 -20.49
C SER B 26 2.88 -0.73 -19.75
N ALA B 27 4.17 -0.60 -20.05
CA ALA B 27 5.01 0.44 -19.46
C ALA B 27 6.02 0.87 -20.50
N GLU B 28 5.89 2.09 -20.99
CA GLU B 28 6.72 2.59 -22.08
C GLU B 28 7.49 3.83 -21.65
N ARG B 29 8.60 4.08 -22.34
CA ARG B 29 9.39 5.27 -22.08
C ARG B 29 8.68 6.53 -22.55
N VAL B 30 8.85 7.61 -21.80
CA VAL B 30 8.25 8.90 -22.12
C VAL B 30 9.25 9.72 -22.92
N GLU B 31 8.82 10.23 -24.07
CA GLU B 31 9.73 10.96 -24.95
C GLU B 31 10.19 12.25 -24.29
N GLY B 32 11.45 12.61 -24.54
CA GLY B 32 12.04 13.79 -23.94
C GLY B 32 12.38 13.67 -22.48
N SER B 33 12.22 12.49 -21.89
CA SER B 33 12.47 12.30 -20.46
C SER B 33 13.17 10.98 -20.21
N GLU B 34 14.20 11.00 -19.37
CA GLU B 34 14.93 9.81 -18.99
C GLU B 34 14.45 9.21 -17.67
N LYS B 35 13.63 9.93 -16.91
CA LYS B 35 13.21 9.50 -15.59
C LYS B 35 11.78 8.99 -15.53
N LEU B 36 10.97 9.25 -16.55
CA LEU B 36 9.55 8.96 -16.51
C LEU B 36 9.21 7.68 -17.26
N LEU B 37 8.09 7.07 -16.85
CA LEU B 37 7.53 5.88 -17.48
C LEU B 37 6.03 6.07 -17.53
N LYS B 38 5.44 5.79 -18.70
CA LYS B 38 4.00 5.86 -18.90
C LYS B 38 3.43 4.46 -18.77
N LEU B 39 2.64 4.23 -17.73
CA LEU B 39 2.12 2.91 -17.40
C LEU B 39 0.62 2.89 -17.60
N THR B 40 0.14 1.97 -18.42
CA THR B 40 -1.28 1.69 -18.51
C THR B 40 -1.61 0.56 -17.55
N LEU B 41 -2.67 0.74 -16.77
CA LEU B 41 -3.03 -0.19 -15.70
C LEU B 41 -4.50 -0.55 -15.82
N SER B 42 -4.80 -1.83 -15.69
CA SER B 42 -6.16 -2.33 -15.67
C SER B 42 -6.64 -2.45 -14.23
N LEU B 43 -7.79 -1.85 -13.94
CA LEU B 43 -8.46 -1.98 -12.65
C LEU B 43 -9.64 -2.94 -12.71
N GLY B 44 -9.66 -3.83 -13.70
CA GLY B 44 -10.78 -4.73 -13.88
C GLY B 44 -11.76 -4.22 -14.92
N ASP B 45 -12.57 -3.23 -14.55
CA ASP B 45 -13.57 -2.67 -15.43
C ASP B 45 -13.18 -1.31 -16.00
N GLU B 46 -12.01 -0.80 -15.66
CA GLU B 46 -11.56 0.48 -16.19
C GLU B 46 -10.04 0.50 -16.26
N GLU B 47 -9.51 1.25 -17.22
CA GLU B 47 -8.08 1.44 -17.40
C GLU B 47 -7.66 2.82 -16.91
N ARG B 48 -6.36 2.95 -16.68
CA ARG B 48 -5.80 4.18 -16.10
C ARG B 48 -4.39 4.38 -16.61
N THR B 49 -4.08 5.61 -16.99
CA THR B 49 -2.73 5.97 -17.42
C THR B 49 -2.04 6.76 -16.32
N VAL B 50 -0.86 6.30 -15.89
CA VAL B 50 -0.14 6.91 -14.79
C VAL B 50 1.30 7.14 -15.24
N VAL B 51 1.80 8.36 -15.04
CA VAL B 51 3.19 8.70 -15.32
C VAL B 51 3.96 8.65 -14.01
N ALA B 52 5.01 7.82 -13.97
CA ALA B 52 5.77 7.61 -12.75
C ALA B 52 7.25 7.86 -13.00
N GLY B 53 7.89 8.57 -12.08
CA GLY B 53 9.32 8.80 -12.17
C GLY B 53 10.12 7.66 -11.57
N ILE B 54 10.15 6.52 -12.25
CA ILE B 54 10.78 5.31 -11.73
C ILE B 54 11.57 4.61 -12.83
N ALA B 55 11.90 5.35 -13.90
CA ALA B 55 12.53 4.72 -15.05
C ALA B 55 13.93 4.20 -14.71
N LYS B 56 14.67 4.91 -13.85
CA LYS B 56 16.00 4.48 -13.47
C LYS B 56 15.99 3.33 -12.48
N TYR B 57 14.86 3.09 -11.81
CA TYR B 57 14.77 2.02 -10.82
C TYR B 57 14.11 0.76 -11.35
N TYR B 58 13.22 0.88 -12.34
CA TYR B 58 12.46 -0.24 -12.86
C TYR B 58 12.54 -0.27 -14.36
N THR B 59 12.88 -1.42 -14.92
CA THR B 59 12.70 -1.60 -16.35
C THR B 59 11.28 -2.04 -16.64
N PRO B 60 10.78 -1.82 -17.86
CA PRO B 60 9.42 -2.27 -18.17
C PRO B 60 9.27 -3.78 -18.17
N GLU B 61 10.38 -4.53 -18.21
CA GLU B 61 10.28 -5.99 -18.12
C GLU B 61 9.88 -6.43 -16.72
N GLU B 62 10.34 -5.74 -15.68
CA GLU B 62 10.01 -6.07 -14.31
C GLU B 62 8.75 -5.37 -13.83
N LEU B 63 7.93 -4.87 -14.75
CA LEU B 63 6.68 -4.20 -14.41
C LEU B 63 5.49 -4.77 -15.16
N VAL B 64 5.61 -4.98 -16.47
CA VAL B 64 4.49 -5.44 -17.28
C VAL B 64 4.03 -6.81 -16.80
N GLY B 65 2.73 -6.94 -16.55
CA GLY B 65 2.15 -8.18 -16.10
C GLY B 65 2.01 -8.32 -14.61
N LYS B 66 2.52 -7.37 -13.83
CA LYS B 66 2.45 -7.43 -12.38
C LYS B 66 1.23 -6.68 -11.86
N LYS B 67 0.76 -7.09 -10.69
CA LYS B 67 -0.29 -6.39 -9.97
C LYS B 67 0.37 -5.49 -8.93
N ILE B 68 0.08 -4.19 -9.00
CA ILE B 68 0.67 -3.19 -8.12
C ILE B 68 -0.44 -2.40 -7.45
N VAL B 69 -0.12 -1.85 -6.28
CA VAL B 69 -1.06 -1.03 -5.54
C VAL B 69 -0.90 0.42 -5.97
N ILE B 70 -2.02 1.09 -6.23
CA ILE B 70 -2.04 2.48 -6.69
C ILE B 70 -3.07 3.25 -5.88
N VAL B 71 -2.93 4.58 -5.94
CA VAL B 71 -3.94 5.51 -5.44
C VAL B 71 -4.79 5.91 -6.63
N ALA B 72 -6.08 5.52 -6.62
CA ALA B 72 -6.92 5.66 -7.80
C ALA B 72 -7.66 6.99 -7.87
N ASN B 73 -7.84 7.68 -6.75
CA ASN B 73 -8.65 8.90 -6.72
C ASN B 73 -7.81 10.16 -6.63
N LEU B 74 -6.64 10.17 -7.29
CA LEU B 74 -5.87 11.39 -7.41
C LEU B 74 -6.37 12.20 -8.58
N LYS B 75 -6.44 13.52 -8.39
CA LYS B 75 -6.92 14.40 -9.44
C LYS B 75 -6.02 14.29 -10.67
N PRO B 76 -6.57 14.33 -11.88
CA PRO B 76 -5.74 14.16 -13.07
C PRO B 76 -4.84 15.35 -13.30
N ARG B 77 -3.72 15.10 -13.97
CA ARG B 77 -2.72 16.12 -14.24
C ARG B 77 -2.09 15.87 -15.59
N LYS B 78 -1.40 16.88 -16.10
CA LYS B 78 -0.68 16.80 -17.37
C LYS B 78 0.81 16.70 -17.06
N ILE B 79 1.39 15.53 -17.32
CA ILE B 79 2.81 15.29 -17.12
C ILE B 79 3.40 14.98 -18.49
N PHE B 80 4.24 15.88 -19.00
CA PHE B 80 4.94 15.71 -20.27
C PHE B 80 3.95 15.39 -21.40
N GLY B 81 2.90 16.21 -21.49
CA GLY B 81 1.90 16.02 -22.52
C GLY B 81 1.05 14.78 -22.37
N ILE B 82 1.15 14.07 -21.24
CA ILE B 82 0.38 12.86 -21.00
C ILE B 82 -0.62 13.13 -19.89
N GLU B 83 -1.87 12.74 -20.10
CA GLU B 83 -2.90 12.86 -19.08
C GLU B 83 -2.76 11.69 -18.09
N SER B 84 -2.23 11.97 -16.91
CA SER B 84 -2.01 10.96 -15.88
C SER B 84 -3.04 11.14 -14.78
N GLN B 85 -3.66 10.03 -14.37
CA GLN B 85 -4.70 10.05 -13.34
C GLN B 85 -4.37 8.98 -12.31
N GLY B 86 -4.01 9.40 -11.10
CA GLY B 86 -3.57 8.49 -10.07
C GLY B 86 -2.07 8.33 -10.04
N MET B 87 -1.60 7.58 -9.04
CA MET B 87 -0.17 7.33 -8.91
C MET B 87 0.06 5.98 -8.27
N ILE B 88 1.27 5.48 -8.45
CA ILE B 88 1.69 4.17 -7.95
C ILE B 88 2.27 4.31 -6.56
N LEU B 89 2.02 3.32 -5.72
CA LEU B 89 2.70 3.25 -4.43
C LEU B 89 4.15 2.84 -4.62
N ALA B 90 5.05 3.50 -3.90
CA ALA B 90 6.47 3.24 -4.05
C ALA B 90 7.17 3.45 -2.72
N ALA B 91 7.91 2.44 -2.28
CA ALA B 91 8.64 2.46 -1.02
C ALA B 91 10.12 2.66 -1.27
N SER B 92 10.73 3.55 -0.50
CA SER B 92 12.17 3.79 -0.56
C SER B 92 12.75 3.71 0.85
N ASP B 93 13.95 3.17 0.95
CA ASP B 93 14.71 3.17 2.19
C ASP B 93 15.88 4.14 2.14
N GLY B 94 15.90 5.04 1.15
CA GLY B 94 17.05 5.88 0.89
C GLY B 94 18.12 5.23 0.04
N GLU B 95 17.98 3.95 -0.29
CA GLU B 95 18.95 3.24 -1.12
C GLU B 95 18.29 2.59 -2.33
N ASN B 96 17.21 1.84 -2.13
CA ASN B 96 16.48 1.22 -3.22
C ASN B 96 15.04 1.72 -3.25
N LEU B 97 14.40 1.53 -4.40
CA LEU B 97 13.01 1.88 -4.61
C LEU B 97 12.26 0.65 -5.08
N SER B 98 11.02 0.49 -4.62
CA SER B 98 10.24 -0.70 -4.93
C SER B 98 8.77 -0.33 -5.10
N VAL B 99 8.12 -0.93 -6.10
CA VAL B 99 6.68 -0.81 -6.23
C VAL B 99 6.04 -1.74 -5.20
N ILE B 100 4.73 -1.69 -5.08
CA ILE B 100 4.01 -2.37 -4.00
C ILE B 100 3.01 -3.34 -4.61
N VAL B 101 3.08 -4.60 -4.20
CA VAL B 101 2.31 -5.68 -4.83
C VAL B 101 1.56 -6.44 -3.75
N PRO B 102 0.52 -7.18 -4.13
CA PRO B 102 -0.18 -8.03 -3.15
C PRO B 102 0.57 -9.32 -2.87
N ASP B 103 0.41 -9.80 -1.63
CA ASP B 103 1.06 -11.04 -1.22
C ASP B 103 0.49 -12.23 -1.96
N ARG B 104 -0.83 -12.29 -2.11
CA ARG B 104 -1.49 -13.35 -2.85
C ARG B 104 -2.04 -12.78 -4.16
N ASP B 105 -2.16 -13.65 -5.17
CA ASP B 105 -2.60 -13.24 -6.50
C ASP B 105 -4.09 -12.90 -6.45
N VAL B 106 -4.39 -11.72 -5.90
CA VAL B 106 -5.76 -11.23 -5.89
C VAL B 106 -6.09 -10.63 -7.24
N LYS B 107 -7.38 -10.59 -7.57
CA LYS B 107 -7.81 -10.13 -8.88
C LYS B 107 -7.67 -8.61 -8.99
N GLU B 108 -7.50 -8.14 -10.22
CA GLU B 108 -7.36 -6.71 -10.46
C GLU B 108 -8.65 -5.98 -10.10
N GLY B 109 -8.48 -4.80 -9.49
CA GLY B 109 -9.60 -4.03 -8.98
C GLY B 109 -9.87 -4.22 -7.51
N ALA B 110 -9.14 -5.13 -6.86
CA ALA B 110 -9.31 -5.32 -5.41
C ALA B 110 -8.99 -4.03 -4.67
N LYS B 111 -9.89 -3.64 -3.78
CA LYS B 111 -9.75 -2.40 -3.04
C LYS B 111 -9.08 -2.65 -1.69
N LEU B 112 -8.38 -1.63 -1.20
CA LEU B 112 -7.72 -1.68 0.10
C LEU B 112 -8.40 -0.77 1.12
N SER B 113 -9.42 -0.03 0.72
CA SER B 113 -10.10 0.90 1.60
C SER B 113 -11.53 1.13 1.14
S SO4 C . 13.98 14.04 -17.24
O1 SO4 C . 13.09 15.19 -17.38
O2 SO4 C . 14.66 13.80 -18.51
O3 SO4 C . 14.96 14.30 -16.20
O4 SO4 C . 13.19 12.87 -16.89
#